data_2HCA
#
_entry.id   2HCA
#
_cell.length_a   63.208
_cell.length_b   50.435
_cell.length_c   65.877
_cell.angle_alpha   90.00
_cell.angle_beta   107.61
_cell.angle_gamma   90.00
#
_symmetry.space_group_name_H-M   'P 1 21 1'
#
loop_
_entity.id
_entity.type
_entity.pdbx_description
1 polymer 'Lactotransferrin (Lactoferrin)'
2 branched beta-D-mannopyranose-(1-4)-[alpha-D-mannopyranose-(1-6)]alpha-D-mannopyranose-(1-4)-2-acetamido-2-deoxy-beta-D-glucopyranose-(1-4)-2-acetamido-2-deoxy-beta-D-glucopyranose
3 branched 2-acetamido-2-deoxy-beta-D-glucopyranose-(1-4)-2-acetamido-2-deoxy-beta-D-glucopyranose
4 branched beta-D-mannopyranose-(1-4)-alpha-D-mannopyranose-(1-4)-beta-D-mannopyranose-(1-4)-beta-D-mannopyranose-(1-4)-2-acetamido-2-deoxy-beta-D-glucopyranose-(1-4)-2-acetamido-2-deoxy-beta-D-glucopyranose
5 non-polymer alpha-D-glucopyranose
6 non-polymer 'FE (III) ION'
7 non-polymer 'CARBONATE ION'
8 non-polymer 'ZINC ION'
9 non-polymer 'SULFATE ION'
10 water water
#
_entity_poly.entity_id   1
_entity_poly.type   'polypeptide(L)'
_entity_poly.pdbx_seq_one_letter_code
;YTRVVWCAVGPEEQKKCQQWSQQSGQNVTCATASTTDDCIVLVLKGEADALNLDGGYIYTAGKCGLVPVLAENRKSSKHS
SLDCVLRPTEGYLAVAVVKKANEGLTWNSLKDKKSCHTAVDRTAGWNIPMGLIVNQTGSCAFDEFFSQSCAPGADPKSRL
CALCAGDDQGLDKCVPNSKEKYYGYTGAFRCLAEDVGDVAFVKNDTVWENTNGESTADWAKNLKREDFRLLCLDGTRKPV
TEAQSCHLAVAPNHAVVSRSDRAAHVEQVLLHQQALFGKNGKNCPDKFCLFKSETKNLLFNDNTECLAKLGGRPTYEEYL
GTEYVTAIANLKKCSTSPLLEACAF
;
_entity_poly.pdbx_strand_id   A
#
loop_
_chem_comp.id
_chem_comp.type
_chem_comp.name
_chem_comp.formula
BMA D-saccharide, beta linking beta-D-mannopyranose 'C6 H12 O6'
CO3 non-polymer 'CARBONATE ION' 'C O3 -2'
FE non-polymer 'FE (III) ION' 'Fe 3'
GLC D-saccharide, alpha linking alpha-D-glucopyranose 'C6 H12 O6'
MAN D-saccharide, alpha linking alpha-D-mannopyranose 'C6 H12 O6'
NAG D-saccharide, beta linking 2-acetamido-2-deoxy-beta-D-glucopyranose 'C8 H15 N O6'
SO4 non-polymer 'SULFATE ION' 'O4 S -2'
ZN non-polymer 'ZINC ION' 'Zn 2'
#
# COMPACT_ATOMS: atom_id res chain seq x y z
N TYR A 1 -24.02 18.94 -1.87
CA TYR A 1 -24.18 17.98 -0.74
C TYR A 1 -23.60 16.61 -1.03
N THR A 2 -24.27 15.86 -1.91
CA THR A 2 -24.07 14.41 -2.02
C THR A 2 -23.21 13.92 -3.22
N ARG A 3 -22.18 14.69 -3.58
CA ARG A 3 -21.28 14.33 -4.69
C ARG A 3 -19.83 14.33 -4.22
N VAL A 4 -19.11 13.25 -4.54
CA VAL A 4 -17.74 13.03 -4.06
C VAL A 4 -16.73 13.12 -5.19
N VAL A 5 -15.75 13.99 -5.04
CA VAL A 5 -14.61 14.08 -5.95
C VAL A 5 -13.46 13.20 -5.39
N TRP A 6 -13.26 12.05 -6.01
CA TRP A 6 -12.22 11.11 -5.61
C TRP A 6 -10.91 11.47 -6.29
N CYS A 7 -9.80 11.25 -5.58
CA CYS A 7 -8.49 11.59 -6.11
C CYS A 7 -7.73 10.35 -6.55
N ALA A 8 -7.56 10.22 -7.87
CA ALA A 8 -6.74 9.18 -8.47
C ALA A 8 -5.30 9.63 -8.63
N VAL A 9 -4.37 8.74 -8.28
CA VAL A 9 -2.93 8.97 -8.45
C VAL A 9 -2.46 8.21 -9.67
N GLY A 10 -2.05 8.96 -10.69
CA GLY A 10 -1.50 8.39 -11.92
C GLY A 10 -2.59 8.17 -12.94
N PRO A 11 -2.21 7.95 -14.22
CA PRO A 11 -3.17 7.72 -15.32
C PRO A 11 -3.92 6.37 -15.34
N GLU A 12 -3.38 5.33 -14.73
CA GLU A 12 -4.08 4.05 -14.69
C GLU A 12 -5.25 4.11 -13.73
N GLU A 13 -5.06 4.81 -12.61
CA GLU A 13 -6.11 4.99 -11.59
C GLU A 13 -7.18 5.98 -12.07
N GLN A 14 -6.79 6.94 -12.92
CA GLN A 14 -7.75 7.87 -13.49
C GLN A 14 -8.75 7.16 -14.41
N LYS A 15 -8.32 6.10 -15.08
CA LYS A 15 -9.22 5.43 -16.01
C LYS A 15 -10.22 4.49 -15.28
N LYS A 16 -9.79 3.87 -14.19
CA LYS A 16 -10.72 3.13 -13.35
C LYS A 16 -11.73 4.06 -12.66
N CYS A 17 -11.28 5.23 -12.23
CA CYS A 17 -12.17 6.19 -11.56
C CYS A 17 -13.21 6.76 -12.53
N GLN A 18 -12.78 7.09 -13.75
CA GLN A 18 -13.68 7.59 -14.78
C GLN A 18 -14.78 6.55 -15.06
N GLN A 19 -14.41 5.27 -15.14
CA GLN A 19 -15.36 4.18 -15.31
C GLN A 19 -16.31 4.04 -14.12
N TRP A 20 -15.75 4.05 -12.92
CA TRP A 20 -16.53 4.18 -11.68
C TRP A 20 -17.45 5.38 -11.77
N SER A 21 -16.92 6.53 -12.19
CA SER A 21 -17.72 7.74 -12.31
C SER A 21 -18.81 7.60 -13.40
N GLN A 22 -18.48 6.89 -14.47
CA GLN A 22 -19.43 6.59 -15.56
C GLN A 22 -20.64 5.89 -14.95
N GLN A 23 -20.37 4.80 -14.22
CA GLN A 23 -21.39 3.92 -13.66
C GLN A 23 -22.09 4.45 -12.41
N SER A 24 -21.64 5.56 -11.87
CA SER A 24 -22.24 6.14 -10.65
C SER A 24 -23.21 7.32 -10.93
N GLY A 25 -23.31 7.70 -12.20
CA GLY A 25 -24.13 8.82 -12.63
C GLY A 25 -23.69 10.13 -12.00
N GLN A 26 -22.37 10.36 -11.99
CA GLN A 26 -21.79 11.56 -11.35
C GLN A 26 -21.90 11.63 -9.83
N ASN A 27 -22.37 10.55 -9.18
CA ASN A 27 -22.35 10.50 -7.71
C ASN A 27 -20.90 10.60 -7.21
N VAL A 28 -19.96 10.09 -8.00
CA VAL A 28 -18.51 10.25 -7.78
C VAL A 28 -17.84 10.83 -9.01
N THR A 29 -17.00 11.84 -8.80
CA THR A 29 -16.23 12.54 -9.85
C THR A 29 -14.71 12.39 -9.57
N CYS A 30 -13.86 12.59 -10.57
CA CYS A 30 -12.41 12.30 -10.42
C CYS A 30 -11.45 13.46 -10.64
N ALA A 31 -10.69 13.81 -9.60
CA ALA A 31 -9.52 14.66 -9.79
C ALA A 31 -8.30 13.78 -10.03
N THR A 32 -7.22 14.34 -10.56
CA THR A 32 -6.03 13.54 -10.85
C THR A 32 -4.75 14.25 -10.42
N ALA A 33 -3.83 13.47 -9.85
CA ALA A 33 -2.53 13.98 -9.43
C ALA A 33 -1.44 12.99 -9.80
N SER A 34 -0.19 13.45 -9.80
CA SER A 34 0.94 12.59 -10.13
C SER A 34 1.39 11.67 -9.01
N THR A 35 1.18 12.08 -7.76
CA THR A 35 1.77 11.39 -6.62
C THR A 35 0.78 11.53 -5.48
N THR A 36 0.87 10.64 -4.50
CA THR A 36 -0.10 10.62 -3.41
C THR A 36 -0.07 11.95 -2.69
N ASP A 37 1.14 12.48 -2.52
CA ASP A 37 1.34 13.71 -1.79
C ASP A 37 0.54 14.83 -2.39
N ASP A 38 0.54 14.88 -3.72
CA ASP A 38 -0.24 15.89 -4.43
C ASP A 38 -1.71 15.74 -4.19
N CYS A 39 -2.22 14.51 -4.25
CA CYS A 39 -3.62 14.26 -3.91
C CYS A 39 -4.01 14.75 -2.50
N ILE A 40 -3.14 14.53 -1.51
CA ILE A 40 -3.41 15.03 -0.15
C ILE A 40 -3.57 16.55 -0.17
N VAL A 41 -2.71 17.23 -0.92
CA VAL A 41 -2.83 18.67 -1.15
C VAL A 41 -4.19 19.03 -1.78
N LEU A 42 -4.60 18.32 -2.83
CA LEU A 42 -5.89 18.62 -3.49
C LEU A 42 -7.07 18.51 -2.50
N VAL A 43 -7.03 17.50 -1.64
CA VAL A 43 -8.07 17.32 -0.65
C VAL A 43 -8.00 18.42 0.42
N LEU A 44 -6.79 18.84 0.79
CA LEU A 44 -6.63 19.99 1.68
C LEU A 44 -7.26 21.26 1.11
N LYS A 45 -7.04 21.46 -0.18
CA LYS A 45 -7.50 22.64 -0.86
C LYS A 45 -9.00 22.60 -0.97
N GLY A 46 -9.55 21.38 -0.95
CA GLY A 46 -10.99 21.18 -1.03
C GLY A 46 -11.44 20.86 -2.44
N GLU A 47 -10.47 20.80 -3.36
CA GLU A 47 -10.71 20.49 -4.77
C GLU A 47 -10.97 19.00 -5.03
N ALA A 48 -10.59 18.15 -4.08
CA ALA A 48 -10.95 16.74 -4.13
C ALA A 48 -11.46 16.36 -2.75
N ASP A 49 -12.31 15.34 -2.67
CA ASP A 49 -12.93 14.99 -1.38
C ASP A 49 -12.15 13.96 -0.58
N ALA A 50 -11.83 12.84 -1.22
CA ALA A 50 -11.34 11.69 -0.50
C ALA A 50 -10.47 10.82 -1.40
N LEU A 51 -9.77 9.87 -0.75
CA LEU A 51 -8.97 8.83 -1.37
C LEU A 51 -8.60 7.74 -0.33
N ASN A 52 -8.33 6.53 -0.83
CA ASN A 52 -7.84 5.41 -0.01
C ASN A 52 -6.31 5.48 0.09
N LEU A 53 -5.77 5.29 1.30
CA LEU A 53 -4.38 5.58 1.64
C LEU A 53 -3.72 4.49 2.48
N ASP A 54 -2.50 4.10 2.12
CA ASP A 54 -1.65 3.25 2.94
C ASP A 54 -1.40 3.98 4.27
N GLY A 55 -1.18 3.21 5.34
CA GLY A 55 -0.94 3.77 6.68
C GLY A 55 0.14 4.83 6.74
N GLY A 56 1.15 4.71 5.88
CA GLY A 56 2.28 5.64 5.86
C GLY A 56 1.86 7.02 5.41
N TYR A 57 0.97 7.08 4.43
CA TYR A 57 0.54 8.38 3.97
C TYR A 57 -0.48 8.98 4.93
N ILE A 58 -1.19 8.12 5.66
CA ILE A 58 -2.19 8.52 6.65
C ILE A 58 -1.56 9.38 7.75
N TYR A 59 -0.31 9.11 8.07
CA TYR A 59 0.46 9.89 9.05
C TYR A 59 0.79 11.30 8.54
N THR A 60 1.20 11.42 7.26
CA THR A 60 1.35 12.73 6.60
C THR A 60 0.00 13.47 6.66
N ALA A 61 -1.01 12.84 6.06
CA ALA A 61 -2.34 13.40 5.96
C ALA A 61 -2.85 13.84 7.32
N GLY A 62 -2.52 13.08 8.36
CA GLY A 62 -3.01 13.34 9.71
C GLY A 62 -2.48 14.63 10.31
N LYS A 63 -1.17 14.85 10.13
CA LYS A 63 -0.51 16.05 10.57
C LYS A 63 -1.13 17.28 9.92
N CYS A 64 -1.78 17.05 8.77
CA CYS A 64 -2.39 18.09 7.97
C CYS A 64 -3.90 18.17 8.19
N GLY A 65 -4.40 17.43 9.16
CA GLY A 65 -5.78 17.55 9.61
C GLY A 65 -6.76 16.53 9.08
N LEU A 66 -6.40 15.87 7.98
CA LEU A 66 -7.23 14.83 7.37
C LEU A 66 -7.52 13.66 8.32
N VAL A 67 -8.69 13.05 8.12
CA VAL A 67 -9.18 12.04 9.05
C VAL A 67 -9.61 10.73 8.35
N PRO A 68 -9.25 9.57 8.92
CA PRO A 68 -9.69 8.28 8.41
C PRO A 68 -11.18 8.10 8.57
N VAL A 69 -11.84 7.61 7.51
CA VAL A 69 -13.30 7.49 7.46
C VAL A 69 -13.75 6.03 7.56
N LEU A 70 -13.26 5.25 6.63
CA LEU A 70 -13.59 3.84 6.49
C LEU A 70 -12.28 3.14 6.20
N ALA A 71 -12.26 1.82 6.40
CA ALA A 71 -11.04 1.03 6.23
C ALA A 71 -11.30 -0.18 5.40
N GLU A 72 -10.26 -0.64 4.70
CA GLU A 72 -10.32 -1.87 3.93
C GLU A 72 -10.37 -3.09 4.85
N ASN A 73 -11.15 -4.09 4.45
CA ASN A 73 -11.23 -5.38 5.14
C ASN A 73 -11.17 -6.53 4.14
N ARG A 74 -10.30 -7.51 4.43
CA ARG A 74 -10.10 -8.70 3.57
C ARG A 74 -10.89 -9.89 4.12
N LYS A 75 -10.85 -11.01 3.40
CA LYS A 75 -11.31 -12.33 3.91
C LYS A 75 -10.75 -12.64 5.32
N SER A 76 -11.63 -12.91 6.26
CA SER A 76 -11.21 -13.24 7.63
C SER A 76 -11.88 -14.52 8.13
N SER A 77 -11.22 -15.18 9.07
CA SER A 77 -11.71 -16.44 9.64
C SER A 77 -12.14 -16.31 11.12
N LYS A 78 -11.59 -15.32 11.82
CA LYS A 78 -12.14 -14.88 13.11
C LYS A 78 -13.10 -13.70 12.88
N HIS A 79 -14.15 -13.62 13.72
CA HIS A 79 -15.28 -12.69 13.52
C HIS A 79 -16.10 -13.11 12.29
N SER A 80 -16.70 -14.31 12.38
CA SER A 80 -17.45 -14.89 11.26
C SER A 80 -18.88 -14.35 11.18
N SER A 81 -19.50 -14.18 12.35
CA SER A 81 -20.89 -13.76 12.50
C SER A 81 -21.10 -12.30 12.10
N LEU A 82 -20.12 -11.46 12.44
CA LEU A 82 -20.14 -10.03 12.15
C LEU A 82 -20.12 -9.71 10.66
N ASP A 83 -20.96 -8.76 10.27
CA ASP A 83 -20.99 -8.26 8.91
C ASP A 83 -19.72 -7.47 8.63
N CYS A 84 -19.25 -7.54 7.38
CA CYS A 84 -17.98 -6.92 6.98
C CYS A 84 -17.88 -5.49 7.47
N VAL A 85 -18.96 -4.73 7.29
CA VAL A 85 -18.96 -3.31 7.63
C VAL A 85 -18.74 -3.06 9.13
N LEU A 86 -19.31 -3.91 9.98
CA LEU A 86 -19.17 -3.76 11.44
C LEU A 86 -17.99 -4.55 12.03
N ARG A 87 -17.40 -5.43 11.22
CA ARG A 87 -16.29 -6.28 11.63
C ARG A 87 -15.02 -5.48 11.87
N PRO A 88 -14.33 -5.76 12.99
CA PRO A 88 -13.04 -5.10 13.26
C PRO A 88 -11.97 -5.47 12.23
N THR A 89 -11.12 -4.49 11.91
CA THR A 89 -10.03 -4.69 10.95
C THR A 89 -8.82 -5.34 11.62
N GLU A 90 -8.22 -6.30 10.93
CA GLU A 90 -7.12 -7.08 11.51
C GLU A 90 -5.70 -6.54 11.27
N GLY A 91 -5.54 -5.58 10.36
CA GLY A 91 -4.21 -5.17 9.93
C GLY A 91 -3.63 -6.16 8.95
N TYR A 92 -2.35 -6.02 8.60
CA TYR A 92 -1.71 -6.92 7.66
C TYR A 92 -0.25 -7.15 7.98
N LEU A 93 0.33 -8.21 7.39
CA LEU A 93 1.68 -8.62 7.78
C LEU A 93 2.74 -8.15 6.81
N ALA A 94 3.52 -7.17 7.25
CA ALA A 94 4.71 -6.74 6.52
C ALA A 94 5.73 -7.86 6.54
N VAL A 95 6.26 -8.24 5.39
CA VAL A 95 7.28 -9.29 5.34
C VAL A 95 8.44 -8.88 4.47
N ALA A 96 9.61 -9.48 4.69
CA ALA A 96 10.72 -9.41 3.76
C ALA A 96 10.80 -10.75 3.08
N VAL A 97 10.77 -10.74 1.74
CA VAL A 97 10.70 -11.95 0.92
C VAL A 97 11.97 -12.04 0.11
N VAL A 98 12.44 -13.27 -0.11
CA VAL A 98 13.59 -13.55 -0.98
C VAL A 98 13.34 -14.81 -1.82
N LYS A 99 14.21 -15.04 -2.80
CA LYS A 99 14.13 -16.21 -3.61
C LYS A 99 14.89 -17.33 -2.91
N LYS A 100 14.32 -18.52 -2.90
CA LYS A 100 14.88 -19.68 -2.18
C LYS A 100 16.28 -20.03 -2.68
N ALA A 101 16.46 -19.96 -4.00
CA ALA A 101 17.75 -20.20 -4.64
C ALA A 101 18.84 -19.27 -4.07
N ASN A 102 18.41 -18.13 -3.53
CA ASN A 102 19.32 -17.20 -2.93
C ASN A 102 19.63 -17.64 -1.52
N GLU A 103 20.26 -18.81 -1.43
CA GLU A 103 20.67 -19.42 -0.15
C GLU A 103 21.73 -18.58 0.53
N GLY A 104 21.74 -18.58 1.86
CA GLY A 104 22.69 -17.78 2.61
C GLY A 104 22.12 -16.43 3.00
N LEU A 105 21.29 -15.85 2.13
CA LEU A 105 20.69 -14.54 2.39
C LEU A 105 19.74 -14.55 3.60
N THR A 106 20.16 -13.89 4.67
CA THR A 106 19.38 -13.76 5.91
C THR A 106 19.24 -12.27 6.23
N TRP A 107 18.26 -11.93 7.06
CA TRP A 107 18.12 -10.58 7.60
C TRP A 107 19.43 -9.95 8.05
N ASN A 108 20.42 -10.78 8.37
CA ASN A 108 21.69 -10.27 8.86
C ASN A 108 22.75 -10.09 7.79
N SER A 109 22.46 -10.59 6.59
CA SER A 109 23.33 -10.35 5.43
C SER A 109 22.60 -9.53 4.36
N LEU A 110 21.77 -8.56 4.77
CA LEU A 110 21.13 -7.66 3.81
C LEU A 110 22.04 -6.53 3.30
N LYS A 111 22.98 -6.08 4.11
CA LYS A 111 23.84 -4.95 3.72
C LYS A 111 24.53 -5.16 2.37
N ASP A 112 24.49 -4.13 1.54
CA ASP A 112 25.00 -4.17 0.15
C ASP A 112 24.21 -5.05 -0.80
N LYS A 113 23.07 -5.59 -0.36
CA LYS A 113 22.19 -6.33 -1.26
C LYS A 113 21.34 -5.39 -2.11
N LYS A 114 20.52 -5.98 -2.98
CA LYS A 114 19.63 -5.21 -3.83
C LYS A 114 18.20 -5.31 -3.31
N SER A 115 17.50 -4.17 -3.26
CA SER A 115 16.18 -4.16 -2.61
C SER A 115 15.07 -3.59 -3.46
N CYS A 116 13.87 -4.08 -3.16
CA CYS A 116 12.65 -3.67 -3.83
C CYS A 116 11.63 -3.21 -2.81
N HIS A 117 11.28 -1.93 -2.88
CA HIS A 117 10.33 -1.32 -1.96
C HIS A 117 9.10 -0.88 -2.74
N THR A 118 7.96 -0.82 -2.06
CA THR A 118 6.69 -0.42 -2.68
C THR A 118 6.75 1.05 -3.10
N ALA A 119 7.22 1.89 -2.18
CA ALA A 119 7.50 3.31 -2.41
C ALA A 119 8.00 3.91 -1.10
N VAL A 120 8.73 5.00 -1.17
CA VAL A 120 9.06 5.80 0.02
C VAL A 120 7.80 6.16 0.81
N ASP A 121 7.93 6.24 2.14
CA ASP A 121 6.85 6.64 3.10
C ASP A 121 5.66 5.70 3.30
N ARG A 122 5.65 4.55 2.62
CA ARG A 122 4.61 3.56 2.86
C ARG A 122 5.00 2.61 4.01
N THR A 123 4.04 1.85 4.52
CA THR A 123 4.27 0.98 5.68
C THR A 123 5.26 -0.19 5.44
N ALA A 124 4.84 -1.14 4.60
CA ALA A 124 5.55 -2.44 4.50
C ALA A 124 6.72 -2.19 3.57
N GLY A 125 6.57 -1.22 2.67
CA GLY A 125 7.58 -0.99 1.67
C GLY A 125 8.80 -0.24 2.19
N TRP A 126 8.57 0.69 3.11
CA TRP A 126 9.63 1.63 3.52
C TRP A 126 9.80 1.83 5.04
N ASN A 127 8.75 2.28 5.73
CA ASN A 127 8.82 2.69 7.13
C ASN A 127 9.16 1.61 8.16
N ILE A 128 8.60 0.43 8.00
CA ILE A 128 8.96 -0.67 8.90
C ILE A 128 10.40 -1.08 8.59
N PRO A 129 10.69 -1.43 7.33
CA PRO A 129 12.00 -2.03 7.05
C PRO A 129 13.16 -1.06 7.32
N MET A 130 13.06 0.16 6.80
CA MET A 130 14.08 1.18 6.99
C MET A 130 14.17 1.60 8.46
N GLY A 131 13.01 1.60 9.15
CA GLY A 131 12.94 1.89 10.58
C GLY A 131 13.75 0.88 11.37
N LEU A 132 13.54 -0.39 11.09
CA LEU A 132 14.38 -1.44 11.70
C LEU A 132 15.87 -1.26 11.34
N ILE A 133 16.13 -0.85 10.10
CA ILE A 133 17.51 -0.79 9.63
C ILE A 133 18.31 0.40 10.21
N VAL A 134 17.66 1.54 10.41
CA VAL A 134 18.27 2.67 11.12
C VAL A 134 18.50 2.30 12.60
N ASN A 135 17.47 1.73 13.25
CA ASN A 135 17.61 1.33 14.64
C ASN A 135 18.79 0.37 14.82
N GLN A 136 18.73 -0.78 14.13
CA GLN A 136 19.79 -1.79 14.19
C GLN A 136 21.20 -1.27 13.86
N THR A 137 21.27 -0.28 12.99
CA THR A 137 22.56 0.23 12.50
C THR A 137 23.12 1.44 13.25
N GLY A 138 22.24 2.22 13.89
CA GLY A 138 22.63 3.43 14.60
C GLY A 138 23.01 4.55 13.65
N SER A 139 22.42 4.57 12.46
CA SER A 139 22.77 5.55 11.45
C SER A 139 21.59 5.89 10.52
N CYS A 140 21.43 7.18 10.25
CA CYS A 140 20.41 7.68 9.32
C CYS A 140 20.82 7.56 7.86
N ALA A 141 21.94 6.87 7.62
CA ALA A 141 22.51 6.76 6.29
C ALA A 141 21.79 5.73 5.42
N PHE A 142 20.49 5.49 5.68
CA PHE A 142 19.72 4.46 4.97
C PHE A 142 19.91 4.42 3.46
N ASP A 143 20.32 5.54 2.88
CA ASP A 143 20.65 5.60 1.45
C ASP A 143 21.94 4.88 1.08
N GLU A 144 22.68 4.39 2.07
CA GLU A 144 23.95 3.70 1.82
C GLU A 144 23.95 2.24 2.21
N PHE A 145 22.82 1.74 2.71
CA PHE A 145 22.72 0.36 3.23
C PHE A 145 22.60 -0.71 2.14
N PHE A 146 21.67 -0.51 1.22
CA PHE A 146 21.54 -1.40 0.07
C PHE A 146 22.39 -0.81 -1.03
N SER A 147 22.96 -1.66 -1.88
CA SER A 147 23.81 -1.15 -2.95
C SER A 147 22.97 -0.43 -4.01
N GLN A 148 21.87 -1.07 -4.42
CA GLN A 148 20.92 -0.51 -5.41
C GLN A 148 19.51 -0.94 -5.03
N SER A 149 18.55 -0.05 -5.23
CA SER A 149 17.15 -0.33 -4.92
C SER A 149 16.20 0.24 -5.94
N CYS A 150 14.92 -0.09 -5.76
CA CYS A 150 13.83 0.66 -6.40
C CYS A 150 12.87 1.06 -5.31
N ALA A 151 13.07 2.28 -4.81
CA ALA A 151 12.25 2.89 -3.78
C ALA A 151 11.49 4.06 -4.42
N PRO A 152 10.32 3.79 -5.05
CA PRO A 152 9.66 4.88 -5.77
C PRO A 152 9.37 6.11 -4.89
N GLY A 153 9.84 7.27 -5.37
CA GLY A 153 9.77 8.52 -4.60
C GLY A 153 11.14 9.07 -4.19
N ALA A 154 12.19 8.28 -4.35
CA ALA A 154 13.52 8.75 -4.00
C ALA A 154 14.06 9.53 -5.21
N ASP A 155 15.21 10.19 -5.06
CA ASP A 155 15.79 11.00 -6.13
C ASP A 155 16.12 10.12 -7.33
N PRO A 156 15.54 10.43 -8.50
CA PRO A 156 15.81 9.61 -9.70
C PRO A 156 17.31 9.36 -9.96
N LYS A 157 18.14 10.35 -9.66
CA LYS A 157 19.60 10.27 -9.85
C LYS A 157 20.30 9.45 -8.76
N SER A 158 19.57 9.03 -7.73
CA SER A 158 20.19 8.33 -6.63
C SER A 158 20.20 6.83 -6.82
N ARG A 159 21.05 6.16 -6.04
CA ARG A 159 21.13 4.70 -6.01
C ARG A 159 19.81 4.01 -5.61
N LEU A 160 19.01 4.70 -4.80
CA LEU A 160 17.65 4.25 -4.40
C LEU A 160 16.63 4.19 -5.53
N CYS A 161 16.96 4.71 -6.71
CA CYS A 161 16.10 4.58 -7.88
C CYS A 161 16.71 3.70 -8.99
N ALA A 162 17.94 3.24 -8.79
CA ALA A 162 18.74 2.49 -9.80
C ALA A 162 18.02 1.35 -10.48
N LEU A 163 17.22 0.64 -9.71
CA LEU A 163 16.60 -0.60 -10.16
C LEU A 163 15.18 -0.42 -10.69
N CYS A 164 14.64 0.80 -10.64
CA CYS A 164 13.32 1.09 -11.21
C CYS A 164 13.42 1.15 -12.72
N ALA A 165 12.31 0.85 -13.39
CA ALA A 165 12.31 0.76 -14.84
C ALA A 165 11.59 1.93 -15.54
N GLY A 166 10.66 2.60 -14.87
CA GLY A 166 9.78 3.54 -15.54
C GLY A 166 8.70 2.82 -16.34
N ASP A 167 8.00 3.53 -17.24
CA ASP A 167 6.92 2.92 -18.02
C ASP A 167 7.41 2.11 -19.23
N ASP A 168 6.48 1.75 -20.12
CA ASP A 168 6.79 0.96 -21.34
C ASP A 168 7.86 1.65 -22.16
N GLN A 169 7.80 2.98 -22.17
CA GLN A 169 8.76 3.83 -22.89
C GLN A 169 10.05 4.15 -22.16
N GLY A 170 10.14 3.78 -20.87
CA GLY A 170 11.30 4.09 -20.05
C GLY A 170 11.24 5.46 -19.41
N LEU A 171 10.11 6.15 -19.59
CA LEU A 171 9.86 7.46 -18.97
C LEU A 171 9.32 7.27 -17.56
N ASP A 172 9.28 8.34 -16.77
CA ASP A 172 8.71 8.30 -15.42
C ASP A 172 9.45 7.35 -14.45
N LYS A 173 10.76 7.20 -14.66
CA LYS A 173 11.65 6.35 -13.84
C LYS A 173 11.53 6.70 -12.38
N CYS A 174 11.12 5.72 -11.57
CA CYS A 174 10.95 5.89 -10.13
C CYS A 174 9.71 6.66 -9.63
N VAL A 175 8.80 7.09 -10.52
CA VAL A 175 7.63 7.84 -10.05
C VAL A 175 6.79 7.01 -9.11
N PRO A 176 6.25 7.63 -8.04
CA PRO A 176 5.48 6.90 -7.05
C PRO A 176 4.02 6.82 -7.43
N ASN A 177 3.77 6.19 -8.57
CA ASN A 177 2.42 5.91 -9.02
C ASN A 177 2.53 4.77 -10.00
N SER A 178 1.39 4.13 -10.31
CA SER A 178 1.39 2.85 -11.04
C SER A 178 2.12 2.82 -12.38
N LYS A 179 2.53 3.96 -12.89
CA LYS A 179 3.29 4.00 -14.13
C LYS A 179 4.69 3.40 -14.04
N GLU A 180 5.20 3.39 -12.82
CA GLU A 180 6.43 2.67 -12.54
C GLU A 180 6.12 1.17 -12.46
N LYS A 181 6.86 0.43 -13.30
CA LYS A 181 6.86 -1.03 -13.33
C LYS A 181 7.02 -1.71 -11.95
N TYR A 182 7.82 -1.09 -11.08
CA TYR A 182 8.07 -1.66 -9.76
C TYR A 182 7.52 -0.84 -8.61
N TYR A 183 6.45 -0.08 -8.86
CA TYR A 183 5.73 0.68 -7.83
C TYR A 183 4.74 -0.21 -7.07
N GLY A 184 4.56 0.07 -5.78
CA GLY A 184 3.56 -0.62 -4.97
C GLY A 184 3.79 -2.11 -4.79
N TYR A 185 2.90 -2.75 -4.03
CA TYR A 185 3.05 -4.13 -3.63
C TYR A 185 3.44 -5.10 -4.77
N THR A 186 2.67 -5.06 -5.85
CA THR A 186 2.87 -5.91 -7.01
C THR A 186 4.20 -5.62 -7.71
N GLY A 187 4.48 -4.34 -7.95
CA GLY A 187 5.71 -3.93 -8.62
C GLY A 187 6.96 -4.26 -7.83
N ALA A 188 6.89 -4.10 -6.52
CA ALA A 188 8.01 -4.41 -5.66
C ALA A 188 8.23 -5.92 -5.65
N PHE A 189 7.15 -6.67 -5.75
CA PHE A 189 7.30 -8.12 -5.74
C PHE A 189 7.82 -8.56 -7.12
N ARG A 190 7.21 -8.04 -8.18
CA ARG A 190 7.71 -8.34 -9.52
C ARG A 190 9.19 -8.06 -9.49
N CYS A 191 9.56 -6.96 -8.87
CA CYS A 191 10.96 -6.53 -8.80
C CYS A 191 11.90 -7.67 -8.35
N LEU A 192 11.43 -8.47 -7.39
CA LEU A 192 12.17 -9.63 -6.93
C LEU A 192 11.99 -10.84 -7.86
N ALA A 193 10.76 -11.00 -8.36
CA ALA A 193 10.40 -12.15 -9.19
C ALA A 193 11.24 -12.22 -10.45
N GLU A 194 11.51 -11.06 -11.03
CA GLU A 194 12.36 -10.95 -12.20
C GLU A 194 13.86 -10.96 -11.82
N ASP A 195 14.15 -11.23 -10.55
CA ASP A 195 15.54 -11.33 -10.08
C ASP A 195 16.29 -10.01 -10.32
N VAL A 196 15.52 -8.93 -10.47
CA VAL A 196 16.08 -7.58 -10.47
C VAL A 196 16.61 -7.23 -9.07
N GLY A 197 15.91 -7.71 -8.04
CA GLY A 197 16.35 -7.51 -6.65
C GLY A 197 16.58 -8.78 -5.84
N ASP A 198 17.32 -8.63 -4.75
CA ASP A 198 17.55 -9.73 -3.79
C ASP A 198 16.49 -9.84 -2.70
N VAL A 199 15.82 -8.73 -2.37
CA VAL A 199 14.74 -8.68 -1.37
C VAL A 199 13.64 -7.68 -1.73
N ALA A 200 12.42 -8.02 -1.33
CA ALA A 200 11.25 -7.23 -1.61
C ALA A 200 10.51 -7.12 -0.31
N PHE A 201 10.22 -5.87 0.06
CA PHE A 201 9.47 -5.54 1.25
C PHE A 201 8.03 -5.30 0.91
N VAL A 202 7.23 -6.37 0.99
CA VAL A 202 5.81 -6.23 0.59
C VAL A 202 5.00 -6.72 1.80
N LYS A 203 3.79 -7.22 1.58
CA LYS A 203 3.04 -7.89 2.64
C LYS A 203 2.83 -9.38 2.28
N ASN A 204 2.29 -10.11 3.24
CA ASN A 204 2.01 -11.51 3.07
C ASN A 204 1.10 -11.83 1.89
N ASP A 205 0.00 -11.09 1.78
CA ASP A 205 -1.01 -11.37 0.78
C ASP A 205 -0.41 -11.36 -0.61
N THR A 206 0.54 -10.46 -0.84
CA THR A 206 1.18 -10.32 -2.14
C THR A 206 1.81 -11.58 -2.68
N VAL A 207 2.50 -12.35 -1.83
CA VAL A 207 3.18 -13.56 -2.30
C VAL A 207 2.19 -14.59 -2.82
N TRP A 208 1.20 -14.89 -1.99
CA TRP A 208 0.09 -15.81 -2.31
C TRP A 208 -0.70 -15.43 -3.56
N GLU A 209 -1.15 -14.18 -3.58
CA GLU A 209 -1.87 -13.58 -4.71
C GLU A 209 -1.19 -13.63 -6.07
N ASN A 210 0.14 -13.69 -6.10
CA ASN A 210 0.87 -13.59 -7.38
C ASN A 210 1.60 -14.86 -7.76
N THR A 211 1.44 -15.87 -6.91
CA THR A 211 2.11 -17.15 -7.09
C THR A 211 1.09 -18.27 -7.23
N ASN A 212 1.57 -19.40 -7.75
CA ASN A 212 0.79 -20.62 -7.98
C ASN A 212 -0.40 -20.43 -8.90
N GLY A 213 -0.17 -19.70 -9.98
CA GLY A 213 -1.17 -19.48 -11.02
C GLY A 213 -2.31 -18.56 -10.61
N GLU A 214 -2.08 -17.71 -9.61
CA GLU A 214 -3.13 -16.79 -9.12
C GLU A 214 -3.22 -15.48 -9.91
N SER A 215 -2.13 -15.03 -10.52
CA SER A 215 -2.12 -13.74 -11.24
C SER A 215 -2.41 -13.84 -12.74
N THR A 216 -1.99 -14.95 -13.37
CA THR A 216 -2.09 -15.19 -14.83
C THR A 216 -1.25 -14.22 -15.68
N ALA A 217 -0.77 -13.15 -15.03
CA ALA A 217 0.04 -12.15 -15.68
C ALA A 217 1.34 -12.76 -16.16
N ASP A 218 1.71 -12.44 -17.39
CA ASP A 218 2.97 -12.83 -18.03
C ASP A 218 4.14 -13.13 -17.07
N TRP A 219 4.51 -12.16 -16.22
CA TRP A 219 5.67 -12.29 -15.32
C TRP A 219 5.45 -13.19 -14.09
N ALA A 220 4.21 -13.63 -13.88
CA ALA A 220 3.83 -14.31 -12.63
C ALA A 220 3.20 -15.71 -12.77
N LYS A 221 2.80 -16.08 -13.99
CA LYS A 221 2.12 -17.37 -14.24
C LYS A 221 2.95 -18.57 -13.76
N ASN A 222 4.25 -18.58 -14.07
CA ASN A 222 5.14 -19.69 -13.72
C ASN A 222 5.80 -19.62 -12.34
N LEU A 223 5.40 -18.63 -11.55
CA LEU A 223 5.91 -18.49 -10.21
C LEU A 223 5.26 -19.51 -9.26
N LYS A 224 6.09 -20.18 -8.48
CA LYS A 224 5.63 -21.06 -7.42
C LYS A 224 6.08 -20.56 -6.05
N ARG A 225 5.20 -20.63 -5.05
CA ARG A 225 5.47 -20.20 -3.66
C ARG A 225 6.75 -20.79 -3.06
N GLU A 226 6.92 -22.10 -3.24
CA GLU A 226 8.02 -22.87 -2.65
C GLU A 226 9.41 -22.43 -3.11
N ASP A 227 9.44 -21.50 -4.06
CA ASP A 227 10.69 -20.91 -4.55
C ASP A 227 10.98 -19.64 -3.79
N PHE A 228 10.09 -19.33 -2.84
CA PHE A 228 10.27 -18.13 -2.02
C PHE A 228 10.51 -18.47 -0.56
N ARG A 229 10.90 -17.44 0.19
CA ARG A 229 11.23 -17.58 1.58
C ARG A 229 11.09 -16.21 2.22
N LEU A 230 10.62 -16.21 3.47
CA LEU A 230 10.54 -15.02 4.30
C LEU A 230 11.80 -14.90 5.14
N LEU A 231 12.17 -13.66 5.45
CA LEU A 231 13.27 -13.32 6.34
C LEU A 231 12.74 -12.85 7.69
N CYS A 232 12.89 -13.69 8.70
CA CYS A 232 12.52 -13.39 10.08
C CYS A 232 13.59 -12.51 10.69
N LEU A 233 13.23 -11.80 11.76
CA LEU A 233 14.19 -10.97 12.49
C LEU A 233 15.10 -11.82 13.39
N ASP A 234 14.74 -13.09 13.60
CA ASP A 234 15.60 -13.98 14.40
C ASP A 234 16.76 -14.55 13.58
N GLY A 235 16.96 -13.99 12.39
CA GLY A 235 18.05 -14.38 11.48
C GLY A 235 17.70 -15.60 10.66
N THR A 236 16.51 -16.15 10.87
CA THR A 236 16.06 -17.36 10.22
C THR A 236 15.41 -17.09 8.85
N ARG A 237 15.05 -18.16 8.15
CA ARG A 237 14.34 -18.11 6.88
C ARG A 237 13.22 -19.13 6.94
N LYS A 238 11.98 -18.71 6.64
CA LYS A 238 10.82 -19.61 6.69
C LYS A 238 10.00 -19.67 5.38
N PRO A 239 9.23 -20.76 5.14
CA PRO A 239 8.27 -20.82 4.02
C PRO A 239 7.17 -19.76 4.13
N VAL A 240 6.57 -19.40 3.01
CA VAL A 240 5.56 -18.33 2.97
C VAL A 240 4.30 -18.69 3.77
N THR A 241 4.28 -19.91 4.29
CA THR A 241 3.15 -20.42 5.04
C THR A 241 3.25 -19.99 6.52
N GLU A 242 4.48 -19.86 7.01
CA GLU A 242 4.73 -19.40 8.38
C GLU A 242 4.76 -17.90 8.52
N ALA A 243 3.84 -17.20 7.88
CA ALA A 243 3.85 -15.75 7.92
C ALA A 243 3.63 -15.19 9.34
N GLN A 244 2.71 -15.79 10.07
CA GLN A 244 2.37 -15.31 11.41
C GLN A 244 3.56 -15.36 12.39
N SER A 245 4.52 -16.26 12.13
CA SER A 245 5.67 -16.42 13.01
C SER A 245 7.00 -15.90 12.43
N CYS A 246 6.92 -15.11 11.36
CA CYS A 246 8.10 -14.59 10.65
C CYS A 246 7.80 -13.29 9.86
N HIS A 247 7.43 -12.22 10.57
CA HIS A 247 7.07 -10.95 9.94
C HIS A 247 7.83 -9.82 10.61
N LEU A 248 7.90 -8.67 9.96
CA LEU A 248 8.60 -7.57 10.54
C LEU A 248 7.67 -6.78 11.45
N ALA A 249 6.40 -6.76 11.12
CA ALA A 249 5.42 -5.96 11.86
C ALA A 249 4.02 -6.22 11.33
N VAL A 250 3.01 -5.91 12.14
CA VAL A 250 1.63 -5.89 11.65
C VAL A 250 1.23 -4.45 11.28
N ALA A 251 0.60 -4.29 10.12
CA ALA A 251 0.39 -2.97 9.58
C ALA A 251 -1.09 -2.62 9.61
N PRO A 252 -1.42 -1.38 10.04
CA PRO A 252 -2.81 -0.94 10.03
C PRO A 252 -3.36 -0.88 8.59
N ASN A 253 -4.55 -1.44 8.38
CA ASN A 253 -5.19 -1.45 7.06
C ASN A 253 -5.22 -0.08 6.35
N HIS A 254 -5.11 -0.11 5.02
CA HIS A 254 -5.28 1.08 4.22
C HIS A 254 -6.67 1.56 4.48
N ALA A 255 -6.83 2.88 4.57
CA ALA A 255 -8.15 3.46 4.78
C ALA A 255 -8.35 4.73 3.94
N VAL A 256 -9.62 4.99 3.61
CA VAL A 256 -10.07 6.26 2.97
C VAL A 256 -9.94 7.43 3.96
N VAL A 257 -9.36 8.53 3.50
CA VAL A 257 -9.28 9.71 4.35
C VAL A 257 -10.01 10.89 3.70
N SER A 258 -10.41 11.85 4.51
CA SER A 258 -11.02 13.06 3.98
C SER A 258 -10.74 14.17 4.95
N ARG A 259 -11.02 15.39 4.54
CA ARG A 259 -11.15 16.48 5.50
C ARG A 259 -12.31 16.17 6.45
N SER A 260 -12.16 16.59 7.71
CA SER A 260 -13.12 16.25 8.77
C SER A 260 -14.46 16.93 8.60
N ASP A 261 -14.44 18.13 8.02
CA ASP A 261 -15.68 18.80 7.70
C ASP A 261 -16.46 18.08 6.60
N ARG A 262 -15.83 17.08 5.95
CA ARG A 262 -16.48 16.25 4.91
C ARG A 262 -16.70 14.78 5.29
N ALA A 263 -16.00 14.29 6.31
CA ALA A 263 -16.02 12.86 6.62
C ALA A 263 -17.43 12.27 6.66
N ALA A 264 -18.37 12.98 7.30
CA ALA A 264 -19.74 12.51 7.40
C ALA A 264 -20.34 12.23 6.02
N HIS A 265 -20.05 13.09 5.06
CA HIS A 265 -20.62 12.96 3.75
C HIS A 265 -19.83 12.05 2.83
N VAL A 266 -18.52 11.97 3.05
CA VAL A 266 -17.69 10.98 2.34
C VAL A 266 -18.11 9.57 2.77
N GLU A 267 -18.36 9.40 4.06
CA GLU A 267 -18.73 8.12 4.63
C GLU A 267 -20.05 7.59 4.04
N GLN A 268 -21.06 8.46 4.03
CA GLN A 268 -22.38 8.13 3.49
C GLN A 268 -22.45 7.70 1.99
N VAL A 269 -21.79 8.45 1.10
CA VAL A 269 -21.78 8.19 -0.33
C VAL A 269 -21.08 6.88 -0.60
N LEU A 270 -20.05 6.60 0.17
CA LEU A 270 -19.25 5.41 -0.07
C LEU A 270 -19.90 4.09 0.36
N LEU A 271 -20.60 4.12 1.49
CA LEU A 271 -21.34 2.95 2.00
C LEU A 271 -22.39 2.51 0.99
N HIS A 272 -23.14 3.50 0.48
CA HIS A 272 -24.06 3.35 -0.65
C HIS A 272 -23.33 2.81 -1.87
N GLN A 273 -22.30 3.52 -2.31
CA GLN A 273 -21.49 3.10 -3.47
C GLN A 273 -21.02 1.62 -3.42
N GLN A 274 -20.64 1.14 -2.24
CA GLN A 274 -20.17 -0.24 -2.09
C GLN A 274 -21.29 -1.29 -2.06
N ALA A 275 -22.49 -0.87 -1.66
CA ALA A 275 -23.67 -1.72 -1.73
C ALA A 275 -23.92 -2.06 -3.18
N LEU A 276 -23.53 -1.12 -4.05
CA LEU A 276 -23.71 -1.22 -5.51
C LEU A 276 -22.56 -1.91 -6.25
N PHE A 277 -21.32 -1.59 -5.90
CA PHE A 277 -20.14 -2.12 -6.64
C PHE A 277 -19.15 -2.96 -5.81
N GLY A 278 -19.51 -3.27 -4.56
CA GLY A 278 -18.65 -4.07 -3.68
C GLY A 278 -18.71 -5.57 -3.94
N LYS A 279 -18.21 -6.37 -3.00
CA LYS A 279 -18.05 -7.83 -3.19
C LYS A 279 -19.35 -8.54 -3.56
N ASN A 280 -20.44 -8.17 -2.89
CA ASN A 280 -21.75 -8.74 -3.19
C ASN A 280 -22.73 -7.67 -3.71
N GLY A 281 -22.17 -6.66 -4.39
CA GLY A 281 -22.89 -5.44 -4.72
C GLY A 281 -23.83 -5.58 -5.88
N LYS A 282 -24.91 -4.78 -5.85
CA LYS A 282 -26.03 -4.90 -6.79
C LYS A 282 -25.53 -5.06 -8.22
N ASN A 283 -24.49 -4.31 -8.56
CA ASN A 283 -24.03 -4.24 -9.94
C ASN A 283 -22.54 -4.56 -10.14
N CYS A 284 -21.93 -5.22 -9.16
CA CYS A 284 -20.52 -5.60 -9.27
C CYS A 284 -20.30 -6.56 -10.44
N PRO A 285 -20.62 -7.86 -10.25
CA PRO A 285 -20.09 -8.82 -11.22
C PRO A 285 -20.54 -8.45 -12.66
N ASP A 286 -21.82 -8.09 -12.77
CA ASP A 286 -22.46 -7.70 -14.05
C ASP A 286 -21.86 -6.43 -14.68
N LYS A 287 -21.97 -5.29 -13.98
CA LYS A 287 -21.59 -4.01 -14.59
C LYS A 287 -20.20 -3.44 -14.23
N PHE A 288 -19.91 -3.30 -12.94
CA PHE A 288 -18.66 -2.68 -12.47
C PHE A 288 -18.31 -3.10 -11.02
N CYS A 289 -17.04 -3.43 -10.76
CA CYS A 289 -16.62 -3.76 -9.40
C CYS A 289 -15.55 -2.80 -8.90
N LEU A 290 -15.81 -2.15 -7.76
CA LEU A 290 -14.91 -1.18 -7.17
C LEU A 290 -13.64 -1.85 -6.65
N PHE A 291 -13.73 -3.15 -6.38
CA PHE A 291 -12.65 -3.85 -5.68
C PHE A 291 -11.89 -4.85 -6.57
N LYS A 292 -11.99 -4.70 -7.89
CA LYS A 292 -11.20 -5.53 -8.80
C LYS A 292 -10.49 -4.72 -9.89
N SER A 293 -9.20 -4.99 -10.09
CA SER A 293 -8.38 -4.31 -11.09
C SER A 293 -7.30 -5.21 -11.71
N GLU A 294 -7.44 -6.52 -11.48
CA GLU A 294 -6.51 -7.54 -12.03
C GLU A 294 -5.06 -7.42 -11.51
N THR A 295 -4.86 -7.84 -10.27
CA THR A 295 -3.55 -7.81 -9.56
C THR A 295 -2.84 -6.42 -9.53
N LYS A 296 -3.63 -5.38 -9.73
CA LYS A 296 -3.08 -4.04 -9.89
C LYS A 296 -3.45 -3.07 -8.79
N ASN A 297 -4.23 -3.52 -7.80
CA ASN A 297 -4.54 -2.72 -6.61
C ASN A 297 -4.82 -1.24 -6.90
N LEU A 298 -5.66 -0.98 -7.89
CA LEU A 298 -6.00 0.39 -8.32
C LEU A 298 -7.14 0.94 -7.49
N LEU A 299 -6.95 2.14 -6.93
CA LEU A 299 -7.85 2.76 -5.95
C LEU A 299 -8.06 1.97 -4.66
N PHE A 300 -8.12 0.65 -4.75
CA PHE A 300 -8.27 -0.22 -3.58
C PHE A 300 -7.54 -1.53 -3.84
N ASN A 301 -7.00 -2.17 -2.78
CA ASN A 301 -6.38 -3.49 -2.93
C ASN A 301 -7.44 -4.44 -3.42
N ASP A 302 -7.09 -5.29 -4.38
CA ASP A 302 -8.02 -6.23 -4.97
C ASP A 302 -8.58 -7.22 -3.95
N ASN A 303 -7.94 -7.29 -2.78
CA ASN A 303 -8.35 -8.24 -1.73
C ASN A 303 -9.39 -7.67 -0.75
N THR A 304 -9.76 -6.41 -0.95
CA THR A 304 -10.78 -5.77 -0.14
C THR A 304 -12.12 -6.47 -0.36
N GLU A 305 -12.68 -6.98 0.75
CA GLU A 305 -14.03 -7.50 0.78
C GLU A 305 -15.03 -6.36 0.82
N CYS A 306 -14.77 -5.40 1.69
CA CYS A 306 -15.56 -4.18 1.80
C CYS A 306 -14.75 -3.17 2.55
N LEU A 307 -15.17 -1.91 2.46
CA LEU A 307 -14.72 -0.88 3.37
C LEU A 307 -15.61 -0.99 4.62
N ALA A 308 -15.00 -0.80 5.79
CA ALA A 308 -15.69 -1.03 7.07
C ALA A 308 -15.74 0.22 7.93
N LYS A 309 -16.85 0.38 8.67
CA LYS A 309 -17.02 1.49 9.65
C LYS A 309 -15.90 1.41 10.66
N LEU A 310 -15.60 2.50 11.35
CA LEU A 310 -14.45 2.48 12.24
C LEU A 310 -14.75 2.18 13.70
N GLY A 311 -15.73 2.85 14.30
CA GLY A 311 -16.11 2.55 15.69
C GLY A 311 -15.00 2.93 16.67
N GLY A 312 -15.34 3.79 17.61
CA GLY A 312 -14.35 4.47 18.44
C GLY A 312 -14.00 5.79 17.79
N ARG A 313 -14.81 6.18 16.79
CA ARG A 313 -14.57 7.36 15.95
C ARG A 313 -13.13 7.92 16.07
N PRO A 314 -12.15 7.09 15.66
CA PRO A 314 -10.76 7.29 16.03
C PRO A 314 -10.10 8.41 15.26
N THR A 315 -9.18 9.10 15.94
CA THR A 315 -8.27 10.04 15.31
C THR A 315 -7.17 9.25 14.56
N TYR A 316 -6.34 9.95 13.79
CA TYR A 316 -5.32 9.32 12.96
C TYR A 316 -4.24 8.60 13.81
N GLU A 317 -3.88 9.20 14.93
CA GLU A 317 -2.88 8.63 15.84
C GLU A 317 -3.44 7.35 16.43
N GLU A 318 -4.70 7.39 16.84
CA GLU A 318 -5.40 6.22 17.36
C GLU A 318 -5.59 5.16 16.30
N TYR A 319 -5.91 5.59 15.07
CA TYR A 319 -6.10 4.63 13.97
C TYR A 319 -4.81 3.85 13.70
N LEU A 320 -3.70 4.55 13.63
CA LEU A 320 -2.41 3.92 13.31
C LEU A 320 -1.82 3.25 14.54
N GLY A 321 -2.25 3.69 15.72
CA GLY A 321 -1.78 3.12 16.97
C GLY A 321 -0.43 3.66 17.40
N THR A 322 -0.32 3.92 18.70
CA THR A 322 0.92 4.43 19.34
C THR A 322 2.21 3.64 19.00
N GLU A 323 2.08 2.35 18.75
CA GLU A 323 3.20 1.52 18.26
C GLU A 323 3.77 2.12 16.96
N TYR A 324 2.96 2.11 15.90
CA TYR A 324 3.38 2.56 14.59
C TYR A 324 3.71 4.05 14.58
N VAL A 325 2.94 4.85 15.32
CA VAL A 325 3.16 6.30 15.27
C VAL A 325 4.54 6.65 15.79
N THR A 326 5.08 5.87 16.73
CA THR A 326 6.46 6.10 17.20
C THR A 326 7.46 5.66 16.15
N ALA A 327 7.22 4.51 15.53
CA ALA A 327 8.12 4.00 14.48
C ALA A 327 8.44 5.10 13.43
N ILE A 328 7.41 5.73 12.89
CA ILE A 328 7.59 6.80 11.90
C ILE A 328 8.29 8.04 12.47
N ALA A 329 7.81 8.57 13.60
CA ALA A 329 8.41 9.74 14.23
C ALA A 329 9.93 9.60 14.48
N ASN A 330 10.37 8.43 14.95
CA ASN A 330 11.80 8.13 15.11
C ASN A 330 12.54 8.17 13.78
N LEU A 331 11.92 7.60 12.74
CA LEU A 331 12.51 7.52 11.40
C LEU A 331 12.57 8.89 10.72
N LYS A 332 11.63 9.78 11.06
CA LYS A 332 11.58 11.13 10.50
C LYS A 332 12.59 12.07 11.15
N LYS A 333 13.16 11.66 12.29
CA LYS A 333 14.34 12.35 12.87
C LYS A 333 15.49 12.31 11.85
N CYS A 334 15.55 11.25 11.05
CA CYS A 334 16.59 11.06 10.04
C CYS A 334 16.51 11.96 8.80
N SER A 335 15.34 12.05 8.15
CA SER A 335 15.22 12.84 6.90
C SER A 335 15.45 14.33 7.09
N LEU A 340 9.19 18.48 14.37
CA LEU A 340 8.79 17.11 14.74
C LEU A 340 7.27 16.94 14.97
N GLU A 341 6.56 18.07 14.93
CA GLU A 341 5.14 18.11 14.61
C GLU A 341 4.95 19.03 13.40
N ALA A 342 4.36 18.51 12.32
CA ALA A 342 4.44 19.19 11.03
C ALA A 342 3.13 19.45 10.28
N CYS A 343 2.85 18.58 9.31
CA CYS A 343 2.04 18.93 8.08
C CYS A 343 2.99 19.41 7.00
N ALA A 344 3.54 18.46 6.24
CA ALA A 344 4.62 18.73 5.30
C ALA A 344 4.20 19.55 4.06
N PHE A 345 3.14 20.34 4.20
CA PHE A 345 2.70 21.27 3.16
C PHE A 345 2.18 22.54 3.82
C1 NAG B . 13.37 2.36 16.83
C2 NAG B . 11.95 1.81 16.95
C3 NAG B . 11.10 2.68 17.87
C4 NAG B . 11.82 3.02 19.17
C5 NAG B . 13.21 3.56 18.87
C6 NAG B . 14.02 3.87 20.14
C7 NAG B . 11.11 0.53 15.06
C8 NAG B . 10.64 0.54 13.64
N2 NAG B . 11.35 1.71 15.63
O3 NAG B . 9.90 2.00 18.17
O4 NAG B . 11.10 4.00 19.88
O5 NAG B . 13.92 2.59 18.12
O6 NAG B . 13.89 2.82 21.07
O7 NAG B . 11.26 -0.54 15.64
C1 NAG B . 10.67 3.47 21.14
C2 NAG B . 10.10 4.60 21.99
C3 NAG B . 9.49 4.10 23.30
C4 NAG B . 8.63 2.85 23.11
C5 NAG B . 9.29 1.83 22.18
C6 NAG B . 8.35 0.68 21.84
C7 NAG B . 11.09 6.85 21.86
C8 NAG B . 12.24 7.73 22.25
N2 NAG B . 11.14 5.58 22.29
O3 NAG B . 8.70 5.12 23.85
O4 NAG B . 8.33 2.26 24.37
O5 NAG B . 9.70 2.45 20.97
O6 NAG B . 7.53 1.05 20.74
O7 NAG B . 10.18 7.32 21.19
C1 MAN B . 6.89 2.21 24.46
C2 MAN B . 6.31 3.61 24.22
C3 MAN B . 6.07 4.40 25.51
C4 MAN B . 5.37 3.56 26.57
C5 MAN B . 6.13 2.25 26.82
C6 MAN B . 5.38 1.34 27.80
O2 MAN B . 5.12 3.49 23.48
O3 MAN B . 5.29 5.55 25.25
O4 MAN B . 5.31 4.33 27.75
O5 MAN B . 6.36 1.53 25.60
O6 MAN B . 4.00 1.37 27.55
C1 BMA B . 4.48 3.71 28.75
C2 BMA B . 5.19 3.82 30.11
C3 BMA B . 4.30 3.38 31.27
C4 BMA B . 2.90 4.00 31.16
C5 BMA B . 2.33 3.71 29.78
C6 BMA B . 0.92 4.26 29.62
O2 BMA B . 5.60 5.16 30.29
O3 BMA B . 4.90 3.73 32.50
O4 BMA B . 2.06 3.52 32.18
O5 BMA B . 3.18 4.28 28.81
O6 BMA B . -0.01 3.25 29.96
C1 MAN B . 3.59 0.07 27.05
C2 MAN B . 2.17 0.12 26.47
C3 MAN B . 1.08 -0.16 27.52
C4 MAN B . 1.44 -1.38 28.36
C5 MAN B . 2.84 -1.22 28.96
C6 MAN B . 3.25 -2.40 29.85
O2 MAN B . 2.07 -0.80 25.41
O3 MAN B . -0.17 -0.37 26.91
O4 MAN B . 0.42 -1.57 29.34
O5 MAN B . 3.81 -1.02 27.94
O6 MAN B . 3.91 -3.39 29.08
C1 NAG C . -26.74 8.61 -6.60
C2 NAG C . -27.40 7.32 -7.09
C3 NAG C . -28.89 7.31 -6.73
C4 NAG C . -29.22 7.78 -5.32
C5 NAG C . -28.33 8.93 -4.83
C6 NAG C . -28.36 8.96 -3.30
C7 NAG C . -26.46 6.21 -9.10
C8 NAG C . -26.60 6.06 -10.60
N2 NAG C . -27.22 7.16 -8.52
O3 NAG C . -29.36 5.98 -6.87
O4 NAG C . -30.56 8.21 -5.24
O5 NAG C . -26.97 8.79 -5.22
O6 NAG C . -28.30 7.64 -2.81
O7 NAG C . -25.67 5.49 -8.50
C1 NAG C . -31.29 7.49 -4.23
C2 NAG C . -32.76 7.95 -4.19
C3 NAG C . -33.58 7.12 -3.22
C4 NAG C . -33.48 5.65 -3.55
C5 NAG C . -32.01 5.20 -3.66
C6 NAG C . -31.96 3.82 -4.32
C7 NAG C . -32.42 10.16 -2.99
C8 NAG C . -32.40 9.68 -1.55
N2 NAG C . -32.95 9.39 -3.95
O3 NAG C . -34.94 7.49 -3.28
O4 NAG C . -34.15 4.90 -2.55
O5 NAG C . -31.22 6.08 -4.45
O6 NAG C . -32.45 3.89 -5.64
O7 NAG C . -31.97 11.27 -3.27
C1 NAG D . -1.53 -14.34 3.93
C2 NAG D . -2.35 -15.14 4.93
C3 NAG D . -3.04 -16.30 4.20
C4 NAG D . -3.91 -15.75 3.09
C5 NAG D . -2.98 -14.97 2.16
C6 NAG D . -3.72 -14.37 0.97
C7 NAG D . -1.73 -15.21 7.26
C8 NAG D . -0.72 -15.61 8.30
N2 NAG D . -1.53 -15.64 6.01
O3 NAG D . -3.83 -17.05 5.09
O4 NAG D . -4.52 -16.85 2.45
O5 NAG D . -2.36 -13.91 2.87
O6 NAG D . -4.35 -13.20 1.40
O7 NAG D . -2.71 -14.53 7.56
C1 NAG D . -5.91 -16.61 2.18
C2 NAG D . -6.29 -17.48 0.99
C3 NAG D . -7.79 -17.46 0.69
C4 NAG D . -8.60 -17.74 1.95
C5 NAG D . -8.15 -16.74 3.01
C6 NAG D . -8.93 -16.87 4.32
C7 NAG D . -4.99 -17.90 -1.01
C8 NAG D . -4.26 -17.29 -2.17
N2 NAG D . -5.56 -17.03 -0.17
O3 NAG D . -8.10 -18.40 -0.32
O4 NAG D . -9.97 -17.59 1.61
O5 NAG D . -6.77 -16.90 3.27
O6 NAG D . -8.22 -16.25 5.37
O7 NAG D . -5.05 -19.13 -0.85
C1 BMA D . -10.79 -18.73 1.90
C2 BMA D . -12.21 -18.17 1.85
C3 BMA D . -13.26 -19.22 2.19
C4 BMA D . -13.07 -20.41 1.25
C5 BMA D . -11.63 -20.93 1.36
C6 BMA D . -11.36 -22.13 0.44
O2 BMA D . -12.45 -17.71 0.52
O3 BMA D . -14.54 -18.65 1.99
O4 BMA D . -14.03 -21.45 1.48
O5 BMA D . -10.68 -19.89 1.07
O6 BMA D . -11.29 -21.76 -0.92
C1 BMA D . -14.42 -21.81 2.81
C2 BMA D . -13.42 -22.40 3.83
C3 BMA D . -14.14 -22.66 5.15
C4 BMA D . -14.83 -21.39 5.60
C5 BMA D . -15.83 -20.99 4.51
C6 BMA D . -16.80 -19.87 4.87
O2 BMA D . -12.35 -21.52 4.03
O3 BMA D . -13.23 -23.09 6.13
O4 BMA D . -15.42 -21.59 6.88
O5 BMA D . -15.07 -20.66 3.34
O6 BMA D . -16.15 -18.74 5.43
C1 MAN D . -14.55 -21.00 7.86
C2 MAN D . -13.22 -21.69 8.20
C3 MAN D . -13.21 -22.15 9.66
C4 MAN D . -14.49 -22.90 10.06
C5 MAN D . -15.72 -22.15 9.57
C6 MAN D . -16.75 -21.95 10.68
O2 MAN D . -12.14 -20.82 7.97
O3 MAN D . -13.11 -21.00 10.48
O4 MAN D . -14.49 -24.21 9.49
O5 MAN D . -15.35 -20.90 9.02
O6 MAN D . -16.77 -20.58 11.06
C1 BMA D . -13.86 -25.21 10.32
C2 BMA D . -14.51 -25.26 11.72
C3 BMA D . -14.48 -26.63 12.43
C4 BMA D . -14.46 -27.82 11.47
C5 BMA D . -13.38 -27.56 10.40
C6 BMA D . -13.04 -28.76 9.50
O2 BMA D . -15.83 -24.76 11.63
O3 BMA D . -15.58 -26.78 13.31
O4 BMA D . -14.22 -29.00 12.20
O5 BMA D . -13.82 -26.46 9.62
O6 BMA D . -14.16 -29.59 9.23
C1 GLC E . -4.18 -0.45 14.48
C2 GLC E . -5.20 -0.57 13.33
C3 GLC E . -5.88 -1.93 13.28
C4 GLC E . -4.90 -3.09 13.44
C5 GLC E . -3.87 -2.88 14.55
C6 GLC E . -2.76 -3.89 14.39
O1 GLC E . -4.83 -0.28 15.75
O2 GLC E . -6.15 0.49 13.41
O3 GLC E . -6.50 -2.12 12.01
O4 GLC E . -5.69 -4.25 13.71
O5 GLC E . -3.29 -1.57 14.50
O6 GLC E . -2.61 -4.66 15.63
FE FE F . 0.54 -0.59 2.96
C CO3 G . 3.08 -0.64 1.77
O1 CO3 G . 2.09 -0.47 0.94
O2 CO3 G . 2.81 -0.89 3.04
O3 CO3 G . 4.30 -0.55 1.34
ZN ZN H . -10.12 8.74 20.62
ZN ZN I . 4.15 -9.83 15.47
S SO4 J . 16.08 -22.60 3.13
O1 SO4 J . 14.96 -22.11 3.92
O2 SO4 J . 17.17 -22.98 4.04
O3 SO4 J . 15.60 -23.73 2.35
O4 SO4 J . 16.56 -21.53 2.24
#